data_3BNW
#
_entry.id   3BNW
#
_cell.length_a   39.695
_cell.length_b   65.604
_cell.length_c   62.690
_cell.angle_alpha   90.00
_cell.angle_beta   103.49
_cell.angle_gamma   90.00
#
_symmetry.space_group_name_H-M   'P 1 21 1'
#
loop_
_entity.id
_entity.type
_entity.pdbx_description
1 polymer 'Riboflavin kinase, putative'
2 water water
#
_entity_poly.entity_id   1
_entity_poly.type   'polypeptide(L)'
_entity_poly.pdbx_seq_one_letter_code
;MAHHHHHHMRQTGSFQPFFLRGKVVHGKGRGGSQLGFPTANIGLDKDVMECLQPYKNLVVYGWGTVSQVPGKERESFGPY
PFAASIGFNMQFDEKTLTVEPYFLHEFGWDFYGAVVKIIVLGEIRSMGSFHSLQALVDTIKSDVQFTRDMLQKPQLQEFS
RHSLFESPSSTIPYFEDLPDE
;
_entity_poly.pdbx_strand_id   A,B
#
# COMPACT_ATOMS: atom_id res chain seq x y z
N HIS A 8 8.50 6.37 -2.24
CA HIS A 8 7.71 6.36 -0.96
C HIS A 8 6.27 6.85 -1.20
N MET A 9 5.33 6.29 -0.45
CA MET A 9 3.93 6.68 -0.55
C MET A 9 3.74 8.10 -0.02
N ARG A 10 2.78 8.82 -0.57
CA ARG A 10 2.42 10.15 -0.08
C ARG A 10 1.83 10.02 1.32
N GLN A 11 2.20 10.92 2.22
CA GLN A 11 1.71 10.88 3.59
C GLN A 11 0.38 11.61 3.67
N THR A 12 -0.70 10.84 3.59
CA THR A 12 -2.06 11.39 3.50
C THR A 12 -2.86 10.98 4.72
N GLY A 13 -3.95 11.70 4.96
CA GLY A 13 -4.89 11.39 6.03
C GLY A 13 -5.93 10.34 5.64
N SER A 14 -5.59 9.48 4.68
CA SER A 14 -6.35 8.27 4.42
C SER A 14 -5.82 7.15 5.32
N PHE A 15 -4.60 7.32 5.84
CA PHE A 15 -3.99 6.31 6.70
C PHE A 15 -4.46 6.50 8.14
N GLN A 16 -5.06 5.46 8.69
CA GLN A 16 -5.52 5.47 10.08
C GLN A 16 -4.45 4.90 11.02
N PRO A 17 -3.86 5.74 11.89
CA PRO A 17 -2.89 5.20 12.83
C PRO A 17 -3.55 4.33 13.89
N PHE A 18 -2.79 3.43 14.48
CA PHE A 18 -3.32 2.52 15.48
C PHE A 18 -2.25 2.07 16.45
N PHE A 19 -2.69 1.30 17.45
CA PHE A 19 -1.84 0.73 18.47
C PHE A 19 -1.98 -0.79 18.41
N LEU A 20 -0.89 -1.50 18.65
CA LEU A 20 -0.90 -2.96 18.62
C LEU A 20 0.00 -3.50 19.70
N ARG A 21 -0.52 -4.43 20.50
CA ARG A 21 0.24 -5.07 21.56
C ARG A 21 0.16 -6.58 21.39
N GLY A 22 1.29 -7.25 21.43
CA GLY A 22 1.34 -8.71 21.29
C GLY A 22 2.72 -9.28 21.59
N LYS A 23 2.78 -10.59 21.78
CA LYS A 23 4.04 -11.27 22.07
C LYS A 23 4.88 -11.53 20.81
N VAL A 24 6.20 -11.51 20.98
CA VAL A 24 7.14 -11.82 19.91
C VAL A 24 7.23 -13.34 19.74
N VAL A 25 6.91 -13.83 18.55
CA VAL A 25 6.90 -15.26 18.24
C VAL A 25 7.74 -15.58 17.00
N HIS A 26 7.94 -16.86 16.75
CA HIS A 26 8.68 -17.32 15.57
C HIS A 26 7.79 -17.32 14.33
N SER A 33 15.59 -18.99 1.71
CA SER A 33 16.76 -18.14 1.54
C SER A 33 17.82 -18.44 2.61
N GLN A 34 19.08 -18.52 2.17
CA GLN A 34 20.20 -18.82 3.06
C GLN A 34 20.76 -17.56 3.75
N LEU A 35 20.23 -16.38 3.41
CA LEU A 35 20.75 -15.11 3.93
C LEU A 35 20.46 -14.89 5.42
N GLY A 36 19.38 -15.49 5.92
CA GLY A 36 19.01 -15.36 7.32
C GLY A 36 18.29 -14.05 7.59
N PHE A 37 17.21 -13.82 6.85
CA PHE A 37 16.34 -12.69 7.10
C PHE A 37 15.66 -12.88 8.46
N PRO A 38 15.18 -11.78 9.06
CA PRO A 38 14.39 -11.89 10.29
C PRO A 38 13.08 -12.63 10.04
N THR A 39 12.71 -13.51 10.97
CA THR A 39 11.40 -14.16 10.92
C THR A 39 10.61 -14.00 12.24
N ALA A 40 10.84 -12.88 12.94
CA ALA A 40 10.12 -12.58 14.17
C ALA A 40 8.78 -11.95 13.83
N ASN A 41 7.72 -12.40 14.51
CA ASN A 41 6.37 -11.91 14.28
C ASN A 41 5.71 -11.49 15.59
N ILE A 42 4.65 -10.70 15.47
CA ILE A 42 3.78 -10.41 16.60
C ILE A 42 2.62 -11.39 16.55
N GLY A 43 2.38 -12.10 17.66
CA GLY A 43 1.31 -13.08 17.75
C GLY A 43 -0.05 -12.43 17.68
N LEU A 44 -0.84 -12.81 16.67
CA LEU A 44 -2.17 -12.27 16.47
C LEU A 44 -3.24 -13.30 16.80
N ASP A 45 -4.50 -12.85 16.84
CA ASP A 45 -5.66 -13.75 16.92
C ASP A 45 -6.67 -13.32 15.87
N LYS A 46 -7.79 -14.03 15.77
CA LYS A 46 -8.77 -13.80 14.71
C LYS A 46 -9.29 -12.36 14.65
N ASP A 47 -9.55 -11.79 15.83
CA ASP A 47 -10.10 -10.43 15.93
C ASP A 47 -9.09 -9.36 15.51
N VAL A 48 -7.85 -9.49 15.99
CA VAL A 48 -6.81 -8.51 15.70
C VAL A 48 -6.38 -8.59 14.23
N MET A 49 -6.38 -9.79 13.65
CA MET A 49 -6.15 -9.98 12.22
C MET A 49 -7.18 -9.20 11.38
N GLU A 50 -8.42 -9.14 11.86
CA GLU A 50 -9.49 -8.40 11.19
C GLU A 50 -9.24 -6.90 11.22
N CYS A 51 -8.82 -6.40 12.38
CA CYS A 51 -8.46 -4.98 12.53
C CYS A 51 -7.35 -4.56 11.58
N LEU A 52 -6.40 -5.46 11.33
CA LEU A 52 -5.22 -5.15 10.52
C LEU A 52 -5.46 -5.22 9.01
N GLN A 53 -6.62 -5.76 8.60
CA GLN A 53 -6.91 -5.96 7.18
C GLN A 53 -6.68 -4.72 6.30
N PRO A 54 -7.08 -3.52 6.77
CA PRO A 54 -6.85 -2.33 5.95
C PRO A 54 -5.37 -1.95 5.75
N TYR A 55 -4.46 -2.67 6.40
CA TYR A 55 -3.04 -2.35 6.37
C TYR A 55 -2.20 -3.42 5.69
N LYS A 56 -2.86 -4.44 5.11
CA LYS A 56 -2.13 -5.55 4.48
C LYS A 56 -1.50 -5.13 3.16
N ASN A 57 -0.37 -5.75 2.84
CA ASN A 57 0.41 -5.48 1.63
C ASN A 57 1.24 -4.21 1.76
N LEU A 58 1.60 -3.85 2.99
CA LEU A 58 2.31 -2.60 3.27
C LEU A 58 3.51 -2.77 4.19
N VAL A 59 4.49 -1.89 4.00
CA VAL A 59 5.54 -1.64 4.98
C VAL A 59 5.19 -0.34 5.71
N VAL A 60 5.09 -0.41 7.03
CA VAL A 60 4.66 0.73 7.83
C VAL A 60 5.75 1.12 8.82
N TYR A 61 5.55 2.24 9.50
CA TYR A 61 6.53 2.77 10.43
C TYR A 61 5.88 3.42 11.65
N GLY A 62 6.67 3.61 12.70
CA GLY A 62 6.18 4.28 13.91
C GLY A 62 7.10 4.07 15.09
N TRP A 63 6.54 4.15 16.29
CA TRP A 63 7.29 3.97 17.53
C TRP A 63 6.92 2.65 18.18
N GLY A 64 7.89 1.98 18.78
CA GLY A 64 7.64 0.72 19.48
C GLY A 64 8.46 0.58 20.74
N THR A 65 8.03 -0.35 21.59
CA THR A 65 8.77 -0.68 22.80
C THR A 65 8.81 -2.20 23.00
N VAL A 66 9.79 -2.67 23.77
CA VAL A 66 9.92 -4.09 24.08
C VAL A 66 9.99 -4.24 25.60
N SER A 67 9.25 -5.21 26.11
CA SER A 67 9.03 -5.37 27.55
C SER A 67 8.85 -6.84 27.91
N GLN A 68 9.05 -7.15 29.20
CA GLN A 68 8.89 -8.50 29.72
C GLN A 68 9.69 -9.54 28.94
N VAL A 69 10.97 -9.22 28.71
CA VAL A 69 11.87 -10.11 27.99
C VAL A 69 12.31 -11.22 28.95
N PRO A 70 12.11 -12.49 28.56
CA PRO A 70 12.53 -13.62 29.40
C PRO A 70 13.96 -13.46 29.92
N GLY A 71 14.14 -13.54 31.23
CA GLY A 71 15.45 -13.35 31.85
C GLY A 71 15.67 -11.91 32.32
N LYS A 72 15.29 -10.97 31.48
CA LYS A 72 15.35 -9.54 31.79
C LYS A 72 13.93 -9.00 31.99
N GLU A 73 13.10 -9.77 32.71
CA GLU A 73 11.65 -9.52 32.72
C GLU A 73 11.22 -8.20 33.39
N ARG A 74 12.07 -7.65 34.25
CA ARG A 74 11.78 -6.40 34.96
C ARG A 74 11.97 -5.15 34.09
N GLU A 75 12.87 -5.22 33.11
CA GLU A 75 13.29 -4.05 32.34
C GLU A 75 12.30 -3.69 31.22
N SER A 76 12.47 -2.49 30.66
CA SER A 76 11.68 -2.04 29.51
C SER A 76 12.56 -1.29 28.53
N PHE A 77 12.39 -1.56 27.24
CA PHE A 77 13.24 -0.99 26.20
C PHE A 77 12.44 -0.10 25.26
N GLY A 78 13.05 1.01 24.85
CA GLY A 78 12.42 1.96 23.93
C GLY A 78 11.98 3.25 24.61
N PRO A 79 11.13 4.05 23.94
CA PRO A 79 10.56 3.80 22.61
C PRO A 79 11.58 3.94 21.48
N TYR A 80 11.53 3.03 20.51
CA TYR A 80 12.43 3.07 19.36
C TYR A 80 11.65 3.25 18.06
N PRO A 81 12.29 3.85 17.03
CA PRO A 81 11.71 3.81 15.69
C PRO A 81 11.62 2.37 15.16
N PHE A 82 10.64 2.11 14.30
CA PHE A 82 10.50 0.78 13.71
C PHE A 82 9.81 0.89 12.36
N ALA A 83 10.12 -0.07 11.48
CA ALA A 83 9.33 -0.32 10.29
C ALA A 83 8.77 -1.73 10.43
N ALA A 84 7.76 -2.07 9.65
CA ALA A 84 7.12 -3.38 9.77
C ALA A 84 6.37 -3.75 8.52
N SER A 85 6.35 -5.04 8.20
CA SER A 85 5.58 -5.56 7.07
C SER A 85 4.31 -6.22 7.57
N ILE A 86 3.17 -5.84 6.98
CA ILE A 86 1.88 -6.48 7.26
C ILE A 86 1.38 -7.20 6.01
N GLY A 87 1.39 -8.53 6.04
CA GLY A 87 0.90 -9.31 4.90
C GLY A 87 0.60 -10.76 5.24
N PHE A 88 0.06 -11.48 4.25
CA PHE A 88 -0.27 -12.89 4.39
C PHE A 88 0.99 -13.76 4.35
N ASN A 89 0.90 -14.96 4.94
CA ASN A 89 1.98 -15.93 4.96
C ASN A 89 1.42 -17.32 5.19
N THR A 96 -2.38 -16.19 6.11
CA THR A 96 -2.63 -15.69 7.45
C THR A 96 -1.95 -14.34 7.65
N LEU A 97 -2.74 -13.29 7.86
CA LEU A 97 -2.21 -11.96 8.15
C LEU A 97 -1.09 -12.05 9.20
N THR A 98 0.09 -11.56 8.81
CA THR A 98 1.28 -11.59 9.65
C THR A 98 1.74 -10.16 9.86
N VAL A 99 2.32 -9.90 11.03
CA VAL A 99 2.97 -8.61 11.29
C VAL A 99 4.41 -8.87 11.67
N GLU A 100 5.33 -8.27 10.91
CA GLU A 100 6.75 -8.55 11.02
C GLU A 100 7.50 -7.24 11.26
N PRO A 101 7.85 -6.95 12.53
CA PRO A 101 8.44 -5.66 12.85
C PRO A 101 9.98 -5.67 12.77
N TYR A 102 10.54 -4.52 12.40
CA TYR A 102 11.98 -4.35 12.33
C TYR A 102 12.39 -3.10 13.12
N PHE A 103 12.75 -3.30 14.38
CA PHE A 103 13.18 -2.19 15.23
C PHE A 103 14.47 -1.58 14.71
N LEU A 104 14.47 -0.25 14.54
CA LEU A 104 15.68 0.49 14.22
C LEU A 104 16.52 0.66 15.49
N HIS A 105 16.95 -0.48 16.04
CA HIS A 105 17.74 -0.52 17.27
C HIS A 105 18.49 -1.85 17.37
N GLU A 106 19.70 -1.80 17.91
CA GLU A 106 20.55 -2.98 18.04
C GLU A 106 20.49 -3.47 19.48
N PHE A 107 19.67 -4.49 19.71
CA PHE A 107 19.52 -5.09 21.03
C PHE A 107 20.72 -5.97 21.39
N GLY A 108 21.25 -6.68 20.39
CA GLY A 108 22.35 -7.62 20.59
C GLY A 108 21.87 -9.03 20.96
N TRP A 109 20.56 -9.24 20.89
CA TRP A 109 19.94 -10.52 21.24
C TRP A 109 18.51 -10.56 20.77
N ASP A 110 17.94 -11.76 20.72
CA ASP A 110 16.53 -11.94 20.38
C ASP A 110 15.68 -11.82 21.62
N PHE A 111 14.40 -11.51 21.43
CA PHE A 111 13.46 -11.31 22.53
C PHE A 111 12.14 -12.02 22.25
N TYR A 112 12.23 -13.29 21.86
CA TYR A 112 11.06 -14.12 21.64
C TYR A 112 10.34 -14.36 22.97
N GLY A 113 9.03 -14.15 22.97
CA GLY A 113 8.22 -14.26 24.19
C GLY A 113 8.11 -12.94 24.96
N ALA A 114 8.73 -11.89 24.42
CA ALA A 114 8.63 -10.56 25.01
C ALA A 114 7.40 -9.87 24.45
N VAL A 115 6.80 -9.01 25.24
CA VAL A 115 5.65 -8.23 24.78
C VAL A 115 6.18 -7.03 23.99
N VAL A 116 5.69 -6.88 22.78
CA VAL A 116 6.03 -5.72 21.97
C VAL A 116 4.79 -4.86 21.83
N LYS A 117 4.97 -3.55 21.97
CA LYS A 117 3.90 -2.59 21.79
C LYS A 117 4.34 -1.65 20.69
N ILE A 118 3.47 -1.43 19.71
CA ILE A 118 3.81 -0.50 18.63
C ILE A 118 2.67 0.48 18.34
N ILE A 119 3.04 1.71 18.02
CA ILE A 119 2.12 2.69 17.44
C ILE A 119 2.52 2.88 15.97
N VAL A 120 1.62 2.52 15.05
CA VAL A 120 1.89 2.64 13.61
C VAL A 120 1.36 3.97 13.11
N LEU A 121 2.26 4.84 12.65
CA LEU A 121 1.91 6.21 12.32
C LEU A 121 1.82 6.48 10.82
N GLY A 122 2.37 5.59 9.99
CA GLY A 122 2.23 5.77 8.55
C GLY A 122 2.78 4.65 7.70
N GLU A 123 2.58 4.79 6.39
CA GLU A 123 2.97 3.77 5.42
C GLU A 123 4.11 4.24 4.52
N ILE A 124 5.04 3.33 4.22
CA ILE A 124 6.20 3.65 3.40
C ILE A 124 5.94 3.28 1.93
N ARG A 125 5.50 2.04 1.73
CA ARG A 125 5.30 1.50 0.39
C ARG A 125 4.55 0.17 0.52
N SER A 126 4.18 -0.42 -0.61
CA SER A 126 3.72 -1.81 -0.63
C SER A 126 4.93 -2.73 -0.48
N MET A 127 4.68 -3.96 -0.03
CA MET A 127 5.73 -4.93 0.19
C MET A 127 6.47 -5.27 -1.09
N GLY A 128 5.74 -5.34 -2.20
CA GLY A 128 6.34 -5.49 -3.53
C GLY A 128 7.31 -6.65 -3.70
N SER A 129 8.30 -6.48 -4.56
CA SER A 129 9.21 -7.57 -4.93
C SER A 129 10.48 -7.05 -5.58
N PHE A 130 11.56 -7.81 -5.41
CA PHE A 130 12.87 -7.43 -5.93
C PHE A 130 13.43 -8.48 -6.88
N HIS A 131 14.34 -8.06 -7.74
CA HIS A 131 15.06 -8.99 -8.61
C HIS A 131 16.45 -9.22 -8.02
N SER A 132 17.26 -8.16 -7.99
CA SER A 132 18.61 -8.24 -7.43
C SER A 132 18.57 -8.12 -5.91
N LEU A 133 19.67 -8.51 -5.27
CA LEU A 133 19.84 -8.37 -3.82
C LEU A 133 20.15 -6.93 -3.42
N GLN A 134 20.87 -6.22 -4.28
CA GLN A 134 21.26 -4.84 -4.02
C GLN A 134 20.04 -3.92 -4.09
N ALA A 135 19.02 -4.37 -4.83
CA ALA A 135 17.74 -3.68 -4.90
C ALA A 135 17.03 -3.72 -3.55
N LEU A 136 17.01 -4.90 -2.93
CA LEU A 136 16.39 -5.07 -1.61
C LEU A 136 17.08 -4.23 -0.55
N VAL A 137 18.41 -4.30 -0.52
CA VAL A 137 19.19 -3.55 0.46
C VAL A 137 19.03 -2.04 0.29
N ASP A 138 19.13 -1.55 -0.94
CA ASP A 138 18.93 -0.12 -1.20
C ASP A 138 17.52 0.34 -0.82
N THR A 139 16.55 -0.57 -0.82
CA THR A 139 15.19 -0.23 -0.44
C THR A 139 15.00 -0.24 1.08
N ILE A 140 15.63 -1.18 1.79
CA ILE A 140 15.57 -1.18 3.25
C ILE A 140 16.27 0.05 3.82
N LYS A 141 17.44 0.40 3.27
CA LYS A 141 18.14 1.64 3.63
C LYS A 141 17.26 2.87 3.40
N SER A 142 16.51 2.88 2.31
CA SER A 142 15.57 3.95 2.02
C SER A 142 14.40 3.95 3.01
N ASP A 143 13.93 2.77 3.41
CA ASP A 143 12.86 2.65 4.40
C ASP A 143 13.33 3.15 5.76
N VAL A 144 14.52 2.70 6.16
CA VAL A 144 15.10 3.05 7.45
C VAL A 144 15.28 4.57 7.59
N GLN A 145 15.83 5.21 6.55
CA GLN A 145 16.09 6.65 6.59
C GLN A 145 14.79 7.46 6.52
N PHE A 146 13.84 6.98 5.73
CA PHE A 146 12.53 7.62 5.61
C PHE A 146 11.82 7.61 6.96
N THR A 147 11.71 6.43 7.54
CA THR A 147 11.13 6.25 8.88
C THR A 147 11.77 7.17 9.90
N ARG A 148 13.09 7.35 9.80
CA ARG A 148 13.82 8.26 10.68
C ARG A 148 13.54 9.73 10.38
N ASP A 149 13.47 10.10 9.11
CA ASP A 149 13.17 11.48 8.71
C ASP A 149 11.75 11.88 9.11
N MET A 150 10.81 10.95 8.98
CA MET A 150 9.41 11.21 9.32
C MET A 150 9.22 11.38 10.82
N LEU A 151 9.88 10.53 11.60
CA LEU A 151 9.73 10.53 13.07
C LEU A 151 10.43 11.71 13.74
N GLN A 152 11.29 12.41 13.02
CA GLN A 152 11.89 13.65 13.53
C GLN A 152 10.90 14.81 13.50
N LYS A 153 9.82 14.67 12.73
CA LYS A 153 8.81 15.72 12.60
C LYS A 153 8.14 15.97 13.95
N PRO A 154 8.06 17.24 14.38
CA PRO A 154 7.54 17.58 15.71
C PRO A 154 6.22 16.90 16.06
N GLN A 155 5.32 16.82 15.09
CA GLN A 155 4.02 16.19 15.27
C GLN A 155 4.17 14.72 15.64
N LEU A 156 4.97 13.99 14.85
CA LEU A 156 5.14 12.53 15.00
C LEU A 156 6.09 12.14 16.13
N GLN A 157 7.09 12.97 16.40
CA GLN A 157 8.04 12.75 17.51
C GLN A 157 7.31 12.64 18.87
N GLU A 158 6.21 13.37 19.02
CA GLU A 158 5.44 13.42 20.28
C GLU A 158 4.81 12.07 20.67
N PHE A 159 4.60 11.19 19.68
CA PHE A 159 4.03 9.85 19.91
C PHE A 159 4.99 8.85 20.57
N SER A 160 6.26 9.23 20.70
CA SER A 160 7.19 8.44 21.50
C SER A 160 6.74 8.38 22.96
N ARG A 161 6.14 9.47 23.43
CA ARG A 161 5.71 9.60 24.82
C ARG A 161 4.23 9.25 25.02
N HIS A 162 3.70 8.35 24.18
CA HIS A 162 2.26 8.08 24.20
C HIS A 162 1.87 7.17 25.37
N SER A 163 0.71 7.46 25.95
CA SER A 163 0.23 6.83 27.18
C SER A 163 -0.14 5.36 27.03
N LEU A 164 -0.46 4.93 25.81
CA LEU A 164 -0.78 3.54 25.52
C LEU A 164 0.39 2.58 25.80
N PHE A 165 1.61 3.09 25.65
CA PHE A 165 2.79 2.30 26.01
C PHE A 165 2.78 1.99 27.50
N GLU A 166 2.38 2.99 28.30
CA GLU A 166 2.34 2.88 29.76
C GLU A 166 1.03 2.29 30.28
N SER A 167 0.10 1.99 29.38
CA SER A 167 -1.18 1.41 29.78
C SER A 167 -1.03 -0.06 30.19
N PRO A 168 -1.55 -0.42 31.38
CA PRO A 168 -1.61 -1.83 31.71
C PRO A 168 -2.79 -2.50 31.02
N SER A 169 -2.69 -3.80 30.78
CA SER A 169 -3.79 -4.61 30.25
C SER A 169 -3.28 -6.02 29.97
N SER A 170 -3.94 -7.01 30.57
CA SER A 170 -3.57 -8.42 30.40
C SER A 170 -4.09 -9.01 29.07
N THR A 171 -4.90 -8.23 28.35
CA THR A 171 -5.42 -8.65 27.04
C THR A 171 -4.30 -8.64 25.99
N ILE A 172 -3.94 -9.83 25.52
CA ILE A 172 -2.98 -9.98 24.41
C ILE A 172 -3.50 -11.02 23.41
N PRO A 173 -3.47 -10.71 22.11
CA PRO A 173 -3.10 -9.40 21.55
C PRO A 173 -4.17 -8.33 21.78
N TYR A 174 -3.82 -7.08 21.48
CA TYR A 174 -4.75 -5.96 21.58
C TYR A 174 -4.49 -4.92 20.47
N PHE A 175 -5.57 -4.45 19.86
CA PHE A 175 -5.50 -3.43 18.81
C PHE A 175 -6.36 -2.22 19.21
N GLU A 176 -5.89 -1.01 18.89
CA GLU A 176 -6.68 0.21 19.12
C GLU A 176 -6.37 1.35 18.14
N ASP A 177 -7.42 1.99 17.61
CA ASP A 177 -7.27 3.15 16.72
C ASP A 177 -6.92 4.44 17.48
N LEU A 178 -6.14 5.31 16.82
CA LEU A 178 -5.74 6.61 17.37
C LEU A 178 -6.46 7.77 16.66
N PRO A 179 -6.92 8.78 17.41
CA PRO A 179 -7.69 9.88 16.82
C PRO A 179 -6.82 10.92 16.13
N GLY B 13 11.15 0.89 -7.05
CA GLY B 13 12.32 0.18 -6.44
C GLY B 13 11.93 -1.21 -5.96
N SER B 14 10.77 -1.28 -5.31
CA SER B 14 10.10 -2.55 -5.02
C SER B 14 8.80 -2.64 -5.84
N PHE B 15 8.33 -1.51 -6.34
CA PHE B 15 7.14 -1.50 -7.17
C PHE B 15 7.48 -1.94 -8.59
N GLN B 16 6.83 -3.02 -9.03
CA GLN B 16 7.01 -3.56 -10.37
C GLN B 16 5.92 -3.00 -11.28
N PRO B 17 6.30 -2.16 -12.26
CA PRO B 17 5.29 -1.64 -13.19
C PRO B 17 4.75 -2.70 -14.15
N PHE B 18 3.52 -2.51 -14.60
CA PHE B 18 2.87 -3.50 -15.43
C PHE B 18 1.89 -2.86 -16.39
N PHE B 19 1.53 -3.61 -17.42
CA PHE B 19 0.48 -3.23 -18.35
C PHE B 19 -0.72 -4.13 -18.11
N LEU B 20 -1.91 -3.56 -18.26
CA LEU B 20 -3.16 -4.29 -18.06
C LEU B 20 -4.19 -3.74 -19.02
N ARG B 21 -4.80 -4.62 -19.82
CA ARG B 21 -5.99 -4.24 -20.56
C ARG B 21 -7.13 -5.22 -20.27
N GLY B 22 -8.35 -4.70 -20.36
CA GLY B 22 -9.56 -5.46 -20.07
C GLY B 22 -10.76 -4.57 -20.30
N LYS B 23 -11.94 -5.19 -20.38
CA LYS B 23 -13.15 -4.45 -20.70
C LYS B 23 -13.71 -3.72 -19.47
N VAL B 24 -14.40 -2.61 -19.71
CA VAL B 24 -15.06 -1.86 -18.64
C VAL B 24 -16.40 -2.50 -18.35
N VAL B 25 -16.66 -2.75 -17.07
CA VAL B 25 -17.88 -3.42 -16.62
C VAL B 25 -18.52 -2.68 -15.44
N HIS B 26 -19.74 -3.08 -15.10
CA HIS B 26 -20.45 -2.47 -13.97
C HIS B 26 -19.95 -2.99 -12.62
N GLY B 27 -20.43 -2.37 -11.54
CA GLY B 27 -20.08 -2.78 -10.18
C GLY B 27 -21.10 -3.74 -9.61
N SER B 33 -23.71 4.85 -0.84
CA SER B 33 -23.57 6.29 -0.60
C SER B 33 -24.22 7.08 -1.72
N GLN B 34 -24.72 8.27 -1.36
CA GLN B 34 -25.50 9.10 -2.28
C GLN B 34 -24.66 10.11 -3.06
N LEU B 35 -23.35 10.10 -2.86
CA LEU B 35 -22.45 11.00 -3.59
C LEU B 35 -21.98 10.40 -4.93
N GLY B 36 -22.76 10.67 -5.97
CA GLY B 36 -22.34 10.50 -7.36
C GLY B 36 -21.75 9.18 -7.81
N PHE B 37 -20.42 9.15 -7.94
CA PHE B 37 -19.70 8.11 -8.68
C PHE B 37 -18.36 7.88 -7.95
N PRO B 38 -17.39 7.16 -8.57
CA PRO B 38 -17.43 6.26 -9.73
C PRO B 38 -17.42 4.77 -9.39
N THR B 39 -18.22 4.00 -10.12
CA THR B 39 -18.32 2.55 -9.92
C THR B 39 -18.15 1.82 -11.25
N ALA B 40 -16.95 1.93 -11.82
CA ALA B 40 -16.62 1.28 -13.07
C ALA B 40 -15.38 0.40 -12.88
N ASN B 41 -15.47 -0.87 -13.25
CA ASN B 41 -14.39 -1.83 -13.06
C ASN B 41 -13.77 -2.30 -14.37
N ILE B 42 -12.55 -2.83 -14.28
CA ILE B 42 -11.91 -3.55 -15.38
C ILE B 42 -12.17 -5.04 -15.20
N GLY B 43 -12.67 -5.70 -16.25
CA GLY B 43 -13.00 -7.11 -16.19
C GLY B 43 -11.77 -7.99 -16.06
N LEU B 44 -11.75 -8.85 -15.05
CA LEU B 44 -10.61 -9.71 -14.79
C LEU B 44 -10.98 -11.18 -14.94
N ASP B 45 -9.99 -12.06 -14.85
CA ASP B 45 -10.22 -13.50 -14.74
C ASP B 45 -9.21 -14.12 -13.77
N LYS B 46 -9.38 -15.40 -13.49
CA LYS B 46 -8.55 -16.14 -12.52
C LYS B 46 -7.06 -15.84 -12.62
N ASP B 47 -6.52 -15.88 -13.84
CA ASP B 47 -5.07 -15.69 -14.06
C ASP B 47 -4.67 -14.23 -13.86
N VAL B 48 -5.33 -13.34 -14.59
CA VAL B 48 -5.03 -11.90 -14.51
C VAL B 48 -5.16 -11.38 -13.08
N MET B 49 -6.14 -11.89 -12.35
CA MET B 49 -6.41 -11.48 -10.97
C MET B 49 -5.26 -11.86 -10.03
N GLU B 50 -4.64 -13.01 -10.28
CA GLU B 50 -3.54 -13.48 -9.45
C GLU B 50 -2.26 -12.67 -9.69
N CYS B 51 -2.10 -12.19 -10.92
CA CYS B 51 -0.99 -11.29 -11.26
C CYS B 51 -1.12 -9.94 -10.58
N LEU B 52 -2.36 -9.53 -10.29
CA LEU B 52 -2.61 -8.24 -9.65
C LEU B 52 -2.50 -8.28 -8.12
N GLN B 53 -2.34 -9.49 -7.55
CA GLN B 53 -2.31 -9.67 -6.10
C GLN B 53 -1.22 -8.87 -5.36
N PRO B 54 -0.03 -8.72 -5.97
CA PRO B 54 0.99 -7.85 -5.39
C PRO B 54 0.61 -6.36 -5.28
N TYR B 55 -0.47 -5.95 -5.95
CA TYR B 55 -0.89 -4.55 -5.98
C TYR B 55 -2.22 -4.32 -5.24
N LYS B 56 -2.67 -5.29 -4.46
CA LYS B 56 -3.91 -5.16 -3.70
C LYS B 56 -3.81 -4.11 -2.60
N ASN B 57 -4.94 -3.47 -2.27
CA ASN B 57 -5.04 -2.47 -1.20
C ASN B 57 -4.23 -1.22 -1.53
N LEU B 58 -4.20 -0.85 -2.82
CA LEU B 58 -3.39 0.28 -3.28
C LEU B 58 -4.15 1.24 -4.19
N VAL B 59 -3.81 2.52 -4.05
CA VAL B 59 -4.14 3.53 -5.04
C VAL B 59 -2.87 3.75 -5.87
N VAL B 60 -2.94 3.43 -7.15
CA VAL B 60 -1.78 3.50 -8.03
C VAL B 60 -2.06 4.53 -9.13
N TYR B 61 -1.02 4.85 -9.91
CA TYR B 61 -1.14 5.83 -10.98
C TYR B 61 -0.44 5.39 -12.26
N GLY B 62 -0.73 6.10 -13.35
CA GLY B 62 -0.06 5.88 -14.63
C GLY B 62 -0.76 6.53 -15.82
N TRP B 63 -0.44 6.00 -17.00
CA TRP B 63 -1.04 6.45 -18.26
C TRP B 63 -2.02 5.42 -18.78
N GLY B 64 -3.09 5.87 -19.42
CA GLY B 64 -4.06 4.96 -19.98
C GLY B 64 -4.80 5.53 -21.15
N THR B 65 -5.49 4.65 -21.88
CA THR B 65 -6.33 5.05 -23.00
C THR B 65 -7.68 4.34 -22.93
N VAL B 66 -8.63 4.86 -23.70
CA VAL B 66 -9.97 4.29 -23.77
C VAL B 66 -10.32 4.18 -25.25
N SER B 67 -10.84 3.01 -25.64
CA SER B 67 -11.12 2.77 -27.05
C SER B 67 -12.25 1.77 -27.27
N GLN B 68 -12.65 1.64 -28.53
CA GLN B 68 -13.85 0.91 -28.94
C GLN B 68 -15.01 1.03 -27.95
N VAL B 69 -15.40 2.28 -27.71
CA VAL B 69 -16.57 2.62 -26.91
C VAL B 69 -17.83 2.36 -27.75
N PRO B 70 -18.86 1.72 -27.15
CA PRO B 70 -20.11 1.55 -27.87
C PRO B 70 -20.66 2.87 -28.42
N GLY B 71 -20.80 2.94 -29.74
CA GLY B 71 -21.26 4.17 -30.41
C GLY B 71 -20.15 5.07 -30.90
N LYS B 72 -18.92 4.81 -30.47
CA LYS B 72 -17.73 5.53 -30.94
C LYS B 72 -16.59 4.53 -31.12
N GLU B 73 -16.88 3.42 -31.80
CA GLU B 73 -15.95 2.29 -31.88
C GLU B 73 -14.68 2.57 -32.71
N ARG B 74 -14.75 3.57 -33.59
CA ARG B 74 -13.62 3.94 -34.44
C ARG B 74 -12.60 4.83 -33.71
N GLU B 75 -13.07 5.61 -32.75
CA GLU B 75 -12.22 6.55 -32.01
C GLU B 75 -11.45 5.85 -30.89
N SER B 76 -10.38 6.51 -30.44
CA SER B 76 -9.65 6.11 -29.24
C SER B 76 -9.19 7.36 -28.49
N PHE B 77 -9.18 7.30 -27.17
CA PHE B 77 -8.95 8.48 -26.34
C PHE B 77 -7.76 8.27 -25.42
N GLY B 78 -6.89 9.28 -25.35
CA GLY B 78 -5.68 9.21 -24.56
C GLY B 78 -4.45 9.37 -25.42
N PRO B 79 -3.26 9.09 -24.85
CA PRO B 79 -3.06 8.67 -23.47
C PRO B 79 -3.34 9.79 -22.47
N TYR B 80 -3.88 9.42 -21.31
CA TYR B 80 -4.19 10.39 -20.26
C TYR B 80 -3.65 9.89 -18.93
N PRO B 81 -3.31 10.82 -18.02
CA PRO B 81 -2.99 10.38 -16.67
C PRO B 81 -4.21 9.70 -16.02
N PHE B 82 -3.95 8.75 -15.13
CA PHE B 82 -5.01 8.12 -14.36
C PHE B 82 -4.47 7.73 -12.99
N ALA B 83 -5.37 7.74 -12.01
CA ALA B 83 -5.13 7.06 -10.75
C ALA B 83 -6.15 5.94 -10.71
N ALA B 84 -5.86 4.90 -9.93
CA ALA B 84 -6.75 3.75 -9.85
C ALA B 84 -6.66 3.08 -8.48
N SER B 85 -7.77 2.50 -8.05
CA SER B 85 -7.79 1.68 -6.83
C SER B 85 -7.78 0.20 -7.20
N ILE B 86 -6.87 -0.55 -6.62
CA ILE B 86 -6.84 -2.00 -6.77
C ILE B 86 -7.17 -2.62 -5.42
N GLY B 87 -8.37 -3.21 -5.31
CA GLY B 87 -8.83 -3.74 -4.03
C GLY B 87 -9.97 -4.72 -4.17
N PHE B 88 -10.61 -5.06 -3.06
CA PHE B 88 -11.67 -6.06 -3.03
C PHE B 88 -13.04 -5.41 -2.80
N GLU B 94 -8.30 -12.75 -1.13
CA GLU B 94 -9.61 -13.01 -1.71
C GLU B 94 -9.55 -13.20 -3.22
N LYS B 95 -10.55 -13.91 -3.76
CA LYS B 95 -10.76 -14.00 -5.20
C LYS B 95 -11.80 -12.98 -5.64
N THR B 96 -11.81 -11.83 -4.96
CA THR B 96 -12.82 -10.79 -5.17
C THR B 96 -12.18 -9.45 -5.56
N LEU B 97 -10.93 -9.47 -5.99
CA LEU B 97 -10.17 -8.23 -6.18
C LEU B 97 -10.62 -7.50 -7.45
N THR B 98 -10.51 -6.18 -7.39
CA THR B 98 -11.17 -5.27 -8.31
C THR B 98 -10.22 -4.15 -8.71
N VAL B 99 -10.33 -3.67 -9.95
CA VAL B 99 -9.55 -2.52 -10.41
C VAL B 99 -10.50 -1.40 -10.87
N GLU B 100 -10.51 -0.29 -10.12
CA GLU B 100 -11.26 0.91 -10.49
C GLU B 100 -10.31 1.98 -11.00
N PRO B 101 -10.41 2.34 -12.29
CA PRO B 101 -9.62 3.43 -12.84
C PRO B 101 -10.30 4.79 -12.66
N TYR B 102 -9.52 5.83 -12.37
CA TYR B 102 -10.02 7.18 -12.32
C TYR B 102 -9.19 8.06 -13.24
N PHE B 103 -9.62 8.16 -14.49
CA PHE B 103 -8.88 8.96 -15.47
C PHE B 103 -8.90 10.43 -15.09
N LEU B 104 -7.73 11.07 -15.16
CA LEU B 104 -7.61 12.51 -14.95
C LEU B 104 -7.97 13.25 -16.24
N HIS B 105 -9.16 12.94 -16.76
CA HIS B 105 -9.67 13.52 -17.99
C HIS B 105 -11.20 13.46 -17.93
N GLU B 106 -11.87 14.42 -18.58
CA GLU B 106 -13.33 14.52 -18.52
C GLU B 106 -13.88 14.18 -19.90
N PHE B 107 -14.41 12.96 -20.05
CA PHE B 107 -14.91 12.49 -21.35
C PHE B 107 -16.29 13.05 -21.68
N GLY B 108 -17.10 13.27 -20.64
CA GLY B 108 -18.47 13.77 -20.81
C GLY B 108 -19.53 12.68 -20.91
N TRP B 109 -19.12 11.43 -20.72
CA TRP B 109 -20.01 10.28 -20.81
C TRP B 109 -19.36 9.04 -20.20
N ASP B 110 -20.19 8.03 -19.88
CA ASP B 110 -19.70 6.75 -19.38
C ASP B 110 -19.33 5.84 -20.56
N PHE B 111 -18.44 4.88 -20.31
CA PHE B 111 -17.94 3.99 -21.37
C PHE B 111 -17.93 2.51 -20.93
N TYR B 112 -19.09 2.00 -20.54
CA TYR B 112 -19.22 0.61 -20.17
C TYR B 112 -19.21 -0.28 -21.41
N GLY B 113 -18.35 -1.29 -21.39
CA GLY B 113 -18.15 -2.17 -22.56
C GLY B 113 -16.96 -1.77 -23.41
N ALA B 114 -16.45 -0.56 -23.21
CA ALA B 114 -15.26 -0.09 -23.92
C ALA B 114 -14.04 -0.81 -23.39
N VAL B 115 -12.92 -0.69 -24.10
CA VAL B 115 -11.68 -1.29 -23.66
C VAL B 115 -10.75 -0.25 -23.01
N VAL B 116 -10.25 -0.59 -21.83
CA VAL B 116 -9.31 0.24 -21.09
C VAL B 116 -7.94 -0.44 -21.09
N LYS B 117 -6.90 0.34 -21.39
CA LYS B 117 -5.51 -0.12 -21.34
C LYS B 117 -4.71 0.78 -20.41
N ILE B 118 -4.10 0.22 -19.37
CA ILE B 118 -3.32 1.03 -18.42
C ILE B 118 -1.88 0.57 -18.29
N ILE B 119 -0.96 1.52 -18.32
CA ILE B 119 0.41 1.30 -17.87
C ILE B 119 0.51 1.85 -16.47
N VAL B 120 0.66 0.96 -15.48
CA VAL B 120 0.74 1.33 -14.08
C VAL B 120 2.21 1.47 -13.69
N LEU B 121 2.59 2.68 -13.28
CA LEU B 121 3.99 3.05 -13.08
C LEU B 121 4.41 3.25 -11.62
N GLY B 122 3.46 3.34 -10.71
CA GLY B 122 3.80 3.59 -9.32
C GLY B 122 2.61 3.62 -8.38
N GLU B 123 2.89 3.75 -7.09
CA GLU B 123 1.86 3.72 -6.07
C GLU B 123 1.83 5.03 -5.27
N ILE B 124 0.61 5.48 -4.98
CA ILE B 124 0.42 6.72 -4.24
C ILE B 124 0.30 6.44 -2.75
N ARG B 125 -0.55 5.48 -2.39
CA ARG B 125 -0.86 5.16 -0.99
C ARG B 125 -1.65 3.86 -0.91
N SER B 126 -2.07 3.49 0.30
CA SER B 126 -3.07 2.44 0.49
C SER B 126 -4.48 3.03 0.35
N MET B 127 -5.46 2.17 0.10
CA MET B 127 -6.85 2.61 -0.06
C MET B 127 -7.35 3.37 1.17
N GLY B 128 -6.96 2.90 2.34
CA GLY B 128 -7.21 3.64 3.59
C GLY B 128 -8.68 3.85 3.89
N SER B 129 -8.98 4.90 4.64
CA SER B 129 -10.37 5.30 4.87
C SER B 129 -10.45 6.74 5.36
N PHE B 130 -11.65 7.31 5.29
CA PHE B 130 -11.89 8.71 5.67
C PHE B 130 -13.04 8.84 6.66
N HIS B 131 -12.90 9.78 7.59
CA HIS B 131 -13.97 10.10 8.54
C HIS B 131 -14.87 11.19 7.96
N SER B 132 -14.25 12.27 7.48
CA SER B 132 -14.98 13.38 6.90
C SER B 132 -14.83 13.42 5.38
N LEU B 133 -15.75 14.13 4.74
CA LEU B 133 -15.76 14.32 3.30
C LEU B 133 -14.63 15.25 2.86
N GLN B 134 -14.27 16.21 3.72
CA GLN B 134 -13.17 17.13 3.45
C GLN B 134 -11.83 16.41 3.46
N ALA B 135 -11.74 15.37 4.27
CA ALA B 135 -10.57 14.50 4.26
C ALA B 135 -10.45 13.81 2.91
N LEU B 136 -11.57 13.32 2.38
CA LEU B 136 -11.61 12.70 1.06
C LEU B 136 -11.19 13.71 -0.01
N VAL B 137 -11.77 14.90 0.05
CA VAL B 137 -11.47 15.99 -0.88
C VAL B 137 -9.99 16.40 -0.84
N ASP B 138 -9.44 16.58 0.35
CA ASP B 138 -8.02 16.93 0.51
C ASP B 138 -7.11 15.83 -0.02
N THR B 139 -7.44 14.59 0.33
CA THR B 139 -6.61 13.45 -0.01
C THR B 139 -6.59 13.19 -1.51
N ILE B 140 -7.73 13.33 -2.18
CA ILE B 140 -7.78 13.16 -3.64
C ILE B 140 -7.08 14.30 -4.38
N LYS B 141 -7.15 15.51 -3.84
CA LYS B 141 -6.37 16.63 -4.40
C LYS B 141 -4.88 16.32 -4.35
N SER B 142 -4.44 15.75 -3.22
CA SER B 142 -3.06 15.28 -3.07
C SER B 142 -2.67 14.26 -4.15
N ASP B 143 -3.57 13.31 -4.41
CA ASP B 143 -3.31 12.26 -5.41
C ASP B 143 -3.11 12.83 -6.81
N VAL B 144 -3.94 13.81 -7.15
CA VAL B 144 -3.93 14.41 -8.48
C VAL B 144 -2.66 15.25 -8.70
N GLN B 145 -2.32 16.08 -7.73
CA GLN B 145 -1.07 16.84 -7.76
C GLN B 145 0.13 15.89 -7.90
N PHE B 146 0.10 14.83 -7.11
CA PHE B 146 1.17 13.83 -7.07
C PHE B 146 1.26 13.08 -8.40
N THR B 147 0.13 12.54 -8.85
CA THR B 147 0.06 11.82 -10.13
C THR B 147 0.59 12.67 -11.29
N ARG B 148 0.21 13.93 -11.32
CA ARG B 148 0.66 14.84 -12.39
C ARG B 148 2.16 15.12 -12.33
N ASP B 149 2.70 15.29 -11.13
CA ASP B 149 4.11 15.58 -10.94
C ASP B 149 5.02 14.42 -11.33
N MET B 150 4.59 13.19 -11.05
CA MET B 150 5.39 12.01 -11.37
C MET B 150 5.40 11.77 -12.88
N LEU B 151 4.22 11.85 -13.51
CA LEU B 151 4.11 11.67 -14.96
C LEU B 151 4.69 12.83 -15.76
N GLN B 152 5.01 13.93 -15.08
CA GLN B 152 5.72 15.06 -15.68
C GLN B 152 7.23 14.76 -15.82
N LYS B 153 7.74 13.87 -14.99
CA LYS B 153 9.15 13.50 -15.05
C LYS B 153 9.48 12.80 -16.38
N PRO B 154 10.53 13.26 -17.08
CA PRO B 154 10.93 12.78 -18.41
C PRO B 154 10.87 11.27 -18.65
N GLN B 155 11.23 10.50 -17.63
CA GLN B 155 11.25 9.03 -17.72
C GLN B 155 9.84 8.47 -17.81
N LEU B 156 8.97 8.98 -16.92
CA LEU B 156 7.57 8.54 -16.85
C LEU B 156 6.76 9.16 -17.98
N GLN B 157 7.07 10.42 -18.30
CA GLN B 157 6.44 11.13 -19.42
C GLN B 157 6.51 10.35 -20.74
N GLU B 158 7.60 9.62 -20.94
CA GLU B 158 7.81 8.84 -22.18
C GLU B 158 6.87 7.64 -22.33
N PHE B 159 6.33 7.14 -21.22
CA PHE B 159 5.46 5.96 -21.25
C PHE B 159 4.11 6.22 -21.93
N SER B 160 3.81 7.48 -22.23
CA SER B 160 2.62 7.83 -23.00
C SER B 160 2.74 7.38 -24.47
N ARG B 161 3.98 7.21 -24.94
CA ARG B 161 4.25 6.84 -26.32
C ARG B 161 4.65 5.35 -26.44
N HIS B 162 4.14 4.52 -25.52
CA HIS B 162 4.53 3.10 -25.49
C HIS B 162 3.83 2.33 -26.61
N SER B 163 4.49 1.26 -27.07
CA SER B 163 3.98 0.47 -28.19
C SER B 163 2.75 -0.38 -27.82
N LEU B 164 2.55 -0.61 -26.53
CA LEU B 164 1.45 -1.44 -26.04
C LEU B 164 0.08 -0.79 -26.25
N PHE B 165 0.04 0.54 -26.27
CA PHE B 165 -1.19 1.25 -26.61
C PHE B 165 -1.52 1.14 -28.10
N GLU B 166 -0.51 0.83 -28.92
CA GLU B 166 -0.70 0.61 -30.35
C GLU B 166 -0.79 -0.88 -30.71
N SER B 167 -0.68 -1.76 -29.73
CA SER B 167 -0.73 -3.21 -29.95
C SER B 167 -2.04 -3.63 -30.61
N PRO B 168 -1.95 -4.41 -31.72
CA PRO B 168 -3.16 -4.92 -32.39
C PRO B 168 -3.80 -6.13 -31.71
N SER B 169 -3.19 -6.66 -30.65
CA SER B 169 -3.68 -7.86 -29.96
C SER B 169 -5.06 -7.66 -29.33
N SER B 170 -5.90 -8.70 -29.43
CA SER B 170 -7.29 -8.66 -28.98
C SER B 170 -7.54 -9.33 -27.63
N THR B 171 -6.53 -10.01 -27.07
CA THR B 171 -6.68 -10.75 -25.82
C THR B 171 -7.12 -9.86 -24.65
N ILE B 172 -8.33 -10.08 -24.13
CA ILE B 172 -8.76 -9.46 -22.88
C ILE B 172 -9.43 -10.47 -21.94
N PRO B 173 -9.16 -10.37 -20.62
CA PRO B 173 -8.19 -9.47 -19.99
C PRO B 173 -6.75 -9.87 -20.32
N TYR B 174 -5.81 -8.97 -20.06
CA TYR B 174 -4.40 -9.23 -20.33
C TYR B 174 -3.46 -8.48 -19.38
N PHE B 175 -2.44 -9.18 -18.89
CA PHE B 175 -1.48 -8.60 -17.94
C PHE B 175 -0.05 -8.88 -18.39
N GLU B 176 0.81 -7.89 -18.26
CA GLU B 176 2.21 -7.98 -18.67
C GLU B 176 3.10 -7.06 -17.84
N ASP B 177 4.08 -7.65 -17.14
CA ASP B 177 5.12 -6.88 -16.46
C ASP B 177 5.96 -6.15 -17.50
N LEU B 178 6.30 -4.88 -17.25
CA LEU B 178 7.22 -4.16 -18.14
C LEU B 178 8.49 -3.70 -17.39
N PRO B 179 9.66 -4.21 -17.81
CA PRO B 179 10.93 -3.93 -17.14
C PRO B 179 11.60 -2.65 -17.63
#